data_6SUI
#
_entry.id   6SUI
#
_cell.length_a   57.736
_cell.length_b   57.736
_cell.length_c   273.561
_cell.angle_alpha   90.000
_cell.angle_beta   90.000
_cell.angle_gamma   90.000
#
_symmetry.space_group_name_H-M   'P 43 21 2'
#
loop_
_entity.id
_entity.type
_entity.pdbx_description
1 polymer 'Phosphotransferase enzyme family protein'
2 non-polymer 'PENTAETHYLENE GLYCOL'
3 water water
#
_entity_poly.entity_id   1
_entity_poly.type   'polypeptide(L)'
_entity_poly.pdbx_seq_one_letter_code
;MHKDVKAIYEESKILDEATHLYGVQRSDIHFIADAENYVYELKKDGESFILKITHTIRRSPDYILGEMEWLHHLAKGGLS
VAKPIASLNGRDIEQVDDGQGGSFLLRVYEKAPGHKVEEADWNDELFYALGQYTGRMHKLTKSYQLSDPRYKRQEWDEEE
QLKLRKYVPADQTLVFEQADRLMEKLAKLPKNQDTYGLVHADLHHGNFHWDQGKITTFDFDDIGYNWFMNDISILLYNVL
WYPVIPYEDKAAFAGNFMKQFLKGYREENELGDEWLAYIPDFLRLRHVLIYGLLHQAFDLATIGDEEKAMLASFRSDIEQ
AAPITTFDFTKLSQS
;
_entity_poly.pdbx_strand_id   A
#
# COMPACT_ATOMS: atom_id res chain seq x y z
N MET A 1 7.85 4.81 15.49
CA MET A 1 8.95 5.49 14.79
C MET A 1 10.25 4.83 15.21
N HIS A 2 11.17 4.73 14.26
CA HIS A 2 12.51 4.19 14.51
C HIS A 2 13.21 4.95 15.64
N LYS A 3 13.83 4.23 16.57
CA LYS A 3 14.50 4.87 17.72
C LYS A 3 15.51 5.97 17.34
N ASP A 4 16.26 5.79 16.25
CA ASP A 4 17.25 6.82 15.82
C ASP A 4 16.63 8.14 15.42
N VAL A 5 15.43 8.10 14.87
CA VAL A 5 14.70 9.33 14.51
C VAL A 5 14.09 9.92 15.77
N LYS A 6 13.51 9.07 16.64
CA LYS A 6 12.95 9.57 17.91
C LYS A 6 13.98 10.36 18.69
N ALA A 7 15.23 9.89 18.68
CA ALA A 7 16.30 10.57 19.38
C ALA A 7 16.57 11.97 18.87
N ILE A 8 16.20 12.27 17.61
CA ILE A 8 16.45 13.58 16.97
C ILE A 8 15.25 14.52 17.00
N TYR A 9 14.06 13.96 16.93
CA TYR A 9 12.85 14.73 16.67
C TYR A 9 12.48 15.63 17.85
N GLU A 10 12.49 16.92 17.59
CA GLU A 10 11.94 17.95 18.49
C GLU A 10 10.71 18.46 17.77
N GLU A 11 9.60 17.83 18.12
CA GLU A 11 8.28 18.10 17.55
C GLU A 11 7.95 19.59 17.42
N SER A 12 7.98 20.32 18.52
CA SER A 12 7.54 21.71 18.44
C SER A 12 8.39 22.52 17.43
N LYS A 13 9.71 22.27 17.38
CA LYS A 13 10.61 22.93 16.43
C LYS A 13 10.24 22.55 14.99
N ILE A 14 9.99 21.26 14.72
CA ILE A 14 9.70 20.85 13.34
C ILE A 14 8.31 21.39 12.92
N LEU A 15 7.35 21.33 13.84
CA LEU A 15 6.01 21.83 13.52
C LEU A 15 5.99 23.33 13.35
N ASP A 16 6.86 24.06 14.05
CA ASP A 16 6.95 25.50 13.74
C ASP A 16 7.44 25.72 12.30
N GLU A 17 8.39 24.91 11.81
CA GLU A 17 8.81 25.03 10.41
C GLU A 17 7.65 24.66 9.54
N ALA A 18 6.91 23.59 9.88
CA ALA A 18 5.70 23.30 9.11
C ALA A 18 4.74 24.48 9.00
N THR A 19 4.57 25.27 10.05
CA THR A 19 3.63 26.40 9.93
C THR A 19 4.17 27.46 8.96
N HIS A 20 5.48 27.68 8.96
CA HIS A 20 6.13 28.61 8.03
C HIS A 20 6.03 28.13 6.59
N LEU A 21 6.13 26.81 6.42
CA LEU A 21 6.20 26.20 5.08
C LEU A 21 4.84 25.98 4.43
N TYR A 22 3.80 25.73 5.22
CA TYR A 22 2.46 25.43 4.70
C TYR A 22 1.38 26.40 5.11
N GLY A 23 1.71 27.37 5.95
CA GLY A 23 0.78 28.44 6.31
C GLY A 23 -0.40 27.98 7.14
N VAL A 24 -0.14 27.10 8.10
CA VAL A 24 -1.21 26.55 8.97
C VAL A 24 -0.75 26.80 10.36
N GLN A 25 -1.67 27.25 11.20
CA GLN A 25 -1.41 27.55 12.62
C GLN A 25 -1.25 26.26 13.45
N ARG A 26 -0.46 26.32 14.52
CA ARG A 26 -0.24 25.17 15.42
CA ARG A 26 -0.23 25.16 15.39
C ARG A 26 -1.53 24.58 15.96
N SER A 27 -2.48 25.45 16.31
CA SER A 27 -3.76 24.99 16.86
C SER A 27 -4.61 24.17 15.85
N ASP A 28 -4.28 24.27 14.57
CA ASP A 28 -4.95 23.57 13.51
C ASP A 28 -4.14 22.37 13.01
N ILE A 29 -3.15 21.93 13.81
CA ILE A 29 -2.34 20.74 13.55
C ILE A 29 -2.64 19.77 14.69
N HIS A 30 -2.97 18.53 14.37
CA HIS A 30 -3.49 17.59 15.35
C HIS A 30 -2.77 16.28 15.12
N PHE A 31 -2.03 15.84 16.13
CA PHE A 31 -1.29 14.57 16.06
C PHE A 31 -2.22 13.36 15.90
N ILE A 32 -1.86 12.50 14.92
CA ILE A 32 -2.59 11.28 14.56
C ILE A 32 -1.75 10.04 14.82
N ALA A 33 -0.48 10.03 14.40
CA ALA A 33 0.29 8.80 14.48
C ALA A 33 1.77 9.00 14.45
N ASP A 34 2.50 8.01 14.96
CA ASP A 34 3.97 8.00 14.95
C ASP A 34 4.49 6.63 14.60
N ALA A 35 3.90 6.00 13.57
CA ALA A 35 4.34 4.68 13.08
C ALA A 35 5.56 4.83 12.12
N GLU A 36 5.39 4.67 10.81
CA GLU A 36 6.52 4.89 9.88
C GLU A 36 6.76 6.40 9.66
N ASN A 37 5.75 7.21 9.89
CA ASN A 37 5.86 8.65 9.76
C ASN A 37 5.23 9.26 10.98
N TYR A 38 5.61 10.49 11.30
CA TYR A 38 4.79 11.29 12.19
C TYR A 38 3.71 11.89 11.32
N VAL A 39 2.47 11.72 11.74
CA VAL A 39 1.32 12.11 10.94
C VAL A 39 0.44 13.05 11.74
N TYR A 40 0.01 14.14 11.11
CA TYR A 40 -0.86 15.10 11.67
C TYR A 40 -2.01 15.41 10.74
N GLU A 41 -3.17 15.72 11.28
CA GLU A 41 -4.26 16.32 10.51
C GLU A 41 -4.14 17.85 10.61
N LEU A 42 -4.23 18.52 9.45
CA LEU A 42 -4.14 19.95 9.29
C LEU A 42 -5.48 20.49 8.85
N LYS A 43 -5.88 21.63 9.39
CA LYS A 43 -7.09 22.32 8.94
C LYS A 43 -6.70 23.73 8.46
N LYS A 44 -7.20 24.09 7.28
CA LYS A 44 -7.03 25.44 6.77
C LYS A 44 -8.20 25.84 5.90
N ASP A 45 -8.78 27.01 6.19
CA ASP A 45 -9.79 27.57 5.34
C ASP A 45 -10.96 26.62 5.17
N GLY A 46 -11.25 25.86 6.23
CA GLY A 46 -12.32 24.87 6.22
C GLY A 46 -12.03 23.59 5.47
N GLU A 47 -10.81 23.40 4.99
CA GLU A 47 -10.43 22.16 4.29
C GLU A 47 -9.46 21.39 5.17
N SER A 48 -9.34 20.10 4.91
CA SER A 48 -8.53 19.21 5.72
C SER A 48 -7.41 18.61 4.90
N PHE A 49 -6.28 18.41 5.57
CA PHE A 49 -5.09 17.88 4.94
C PHE A 49 -4.40 16.95 5.91
N ILE A 50 -3.43 16.20 5.41
CA ILE A 50 -2.64 15.31 6.23
C ILE A 50 -1.15 15.67 6.00
N LEU A 51 -0.44 15.94 7.08
CA LEU A 51 1.00 16.15 7.06
C LEU A 51 1.70 14.90 7.48
N LYS A 52 2.65 14.44 6.67
CA LYS A 52 3.52 13.32 7.04
C LYS A 52 4.97 13.74 7.08
N ILE A 53 5.67 13.27 8.12
CA ILE A 53 7.05 13.56 8.37
C ILE A 53 7.86 12.29 8.53
N THR A 54 8.88 12.16 7.69
CA THR A 54 9.88 11.14 7.93
C THR A 54 11.25 11.79 7.93
N HIS A 55 12.29 11.02 7.85
CA HIS A 55 13.67 11.50 8.04
C HIS A 55 14.58 10.74 7.11
N THR A 56 15.64 11.40 6.68
CA THR A 56 16.65 10.78 5.80
C THR A 56 17.37 9.53 6.26
N ILE A 57 17.44 9.30 7.56
CA ILE A 57 17.82 8.01 8.15
C ILE A 57 17.00 6.84 7.61
N ARG A 58 15.71 7.07 7.36
CA ARG A 58 14.77 6.01 6.95
CA ARG A 58 14.75 6.03 6.95
C ARG A 58 14.42 6.01 5.47
N ARG A 59 14.36 7.18 4.84
CA ARG A 59 13.94 7.33 3.42
C ARG A 59 14.62 8.52 2.78
N SER A 60 15.07 8.37 1.53
CA SER A 60 15.64 9.47 0.77
C SER A 60 14.56 10.35 0.16
N PRO A 61 14.85 11.64 0.03
CA PRO A 61 13.87 12.45 -0.65
C PRO A 61 13.61 11.96 -2.10
N ASP A 62 14.67 11.47 -2.78
CA ASP A 62 14.58 10.95 -4.15
C ASP A 62 13.50 9.85 -4.26
N TYR A 63 13.49 8.96 -3.26
CA TYR A 63 12.52 7.87 -3.26
C TYR A 63 11.09 8.37 -3.08
N ILE A 64 10.89 9.31 -2.13
CA ILE A 64 9.57 9.86 -1.90
C ILE A 64 9.08 10.67 -3.11
N LEU A 65 10.02 11.34 -3.78
CA LEU A 65 9.68 12.08 -4.98
C LEU A 65 9.08 11.20 -6.09
N GLY A 66 9.45 9.91 -6.14
CA GLY A 66 8.82 9.00 -7.03
C GLY A 66 7.35 8.81 -6.76
N GLU A 67 6.97 8.75 -5.48
CA GLU A 67 5.58 8.77 -5.11
C GLU A 67 4.88 10.06 -5.59
N MET A 68 5.50 11.20 -5.27
CA MET A 68 4.88 12.46 -5.62
C MET A 68 4.58 12.55 -7.14
N GLU A 69 5.58 12.16 -7.95
CA GLU A 69 5.48 12.22 -9.40
C GLU A 69 4.31 11.33 -9.92
N TRP A 70 4.19 10.13 -9.34
CA TRP A 70 3.13 9.23 -9.79
C TRP A 70 1.76 9.78 -9.43
N LEU A 71 1.60 10.31 -8.20
CA LEU A 71 0.31 10.84 -7.82
C LEU A 71 -0.10 12.07 -8.68
N HIS A 72 0.87 12.90 -9.05
CA HIS A 72 0.53 14.02 -9.91
CA HIS A 72 0.65 14.05 -9.95
C HIS A 72 0.06 13.56 -11.28
N HIS A 73 0.68 12.48 -11.81
CA HIS A 73 0.29 11.90 -13.05
C HIS A 73 -1.16 11.36 -12.98
N LEU A 74 -1.48 10.61 -11.92
CA LEU A 74 -2.86 10.09 -11.79
C LEU A 74 -3.92 11.22 -11.67
N ALA A 75 -3.62 12.22 -10.84
CA ALA A 75 -4.51 13.35 -10.67
C ALA A 75 -4.72 14.11 -11.99
N LYS A 76 -3.62 14.32 -12.72
CA LYS A 76 -3.71 15.01 -14.01
C LYS A 76 -4.58 14.24 -15.00
N GLY A 77 -4.51 12.91 -14.94
CA GLY A 77 -5.33 12.05 -15.75
C GLY A 77 -6.77 11.87 -15.33
N GLY A 78 -7.19 12.54 -14.24
CA GLY A 78 -8.58 12.53 -13.82
C GLY A 78 -8.96 11.54 -12.74
N LEU A 79 -7.99 10.83 -12.17
CA LEU A 79 -8.28 9.86 -11.12
C LEU A 79 -8.38 10.58 -9.79
N SER A 80 -9.39 10.26 -8.99
CA SER A 80 -9.57 10.94 -7.71
C SER A 80 -8.66 10.30 -6.66
N VAL A 81 -7.60 11.02 -6.34
CA VAL A 81 -6.62 10.60 -5.35
C VAL A 81 -6.43 11.76 -4.38
N ALA A 82 -6.10 11.42 -3.14
CA ALA A 82 -5.78 12.43 -2.13
C ALA A 82 -4.31 12.86 -2.39
N LYS A 83 -4.14 13.87 -3.23
CA LYS A 83 -2.87 14.18 -3.82
C LYS A 83 -2.01 15.10 -2.97
N PRO A 84 -0.70 15.13 -3.27
CA PRO A 84 0.13 16.10 -2.58
C PRO A 84 -0.26 17.52 -2.90
N ILE A 85 -0.08 18.38 -1.88
CA ILE A 85 -0.36 19.80 -1.92
C ILE A 85 0.97 20.54 -1.80
N ALA A 86 1.20 21.48 -2.71
CA ALA A 86 2.46 22.18 -2.73
C ALA A 86 2.54 23.16 -1.53
N SER A 87 3.71 23.24 -0.93
CA SER A 87 4.01 24.24 0.09
C SER A 87 3.93 25.67 -0.46
N LEU A 88 4.16 26.64 0.43
CA LEU A 88 4.26 28.04 0.00
C LEU A 88 5.36 28.27 -1.03
N ASN A 89 6.42 27.46 -0.91
CA ASN A 89 7.54 27.50 -1.86
C ASN A 89 7.37 26.61 -3.08
N GLY A 90 6.15 26.09 -3.31
CA GLY A 90 5.87 25.31 -4.50
C GLY A 90 6.31 23.86 -4.42
N ARG A 91 6.68 23.38 -3.25
CA ARG A 91 7.28 22.04 -3.12
C ARG A 91 6.33 20.97 -2.68
N ASP A 92 6.46 19.78 -3.25
CA ASP A 92 5.72 18.66 -2.69
C ASP A 92 6.36 18.08 -1.45
N ILE A 93 7.71 18.13 -1.39
CA ILE A 93 8.48 17.75 -0.24
C ILE A 93 9.30 18.95 0.26
N GLU A 94 9.12 19.27 1.53
CA GLU A 94 9.97 20.25 2.18
C GLU A 94 11.01 19.56 3.09
N GLN A 95 12.28 19.90 2.89
CA GLN A 95 13.38 19.36 3.75
C GLN A 95 13.63 20.30 4.89
N VAL A 96 13.70 19.79 6.10
CA VAL A 96 13.99 20.63 7.25
C VAL A 96 15.23 20.04 7.89
N ASP A 97 16.30 20.83 7.88
CA ASP A 97 17.62 20.45 8.40
C ASP A 97 17.46 20.12 9.90
N ASP A 98 17.99 18.97 10.34
CA ASP A 98 17.86 18.54 11.74
C ASP A 98 19.00 19.10 12.63
N GLY A 99 19.91 19.87 12.02
CA GLY A 99 21.06 20.42 12.67
C GLY A 99 22.11 19.39 13.01
N GLN A 100 22.10 18.24 12.36
CA GLN A 100 23.21 17.31 12.55
C GLN A 100 23.41 16.43 11.33
N GLY A 101 23.34 17.07 10.16
CA GLY A 101 23.65 16.43 8.89
C GLY A 101 22.57 15.64 8.21
N GLY A 102 21.37 15.55 8.80
CA GLY A 102 20.22 14.89 8.15
C GLY A 102 19.11 15.90 7.88
N SER A 103 18.01 15.42 7.33
CA SER A 103 16.80 16.24 7.20
C SER A 103 15.55 15.48 7.55
N PHE A 104 14.61 16.19 8.15
CA PHE A 104 13.19 15.77 8.18
C PHE A 104 12.56 16.10 6.83
N LEU A 105 11.67 15.23 6.39
CA LEU A 105 11.04 15.31 5.07
C LEU A 105 9.55 15.43 5.26
N LEU A 106 9.03 16.63 4.97
CA LEU A 106 7.63 16.98 5.22
C LEU A 106 6.86 16.94 3.92
N ARG A 107 5.66 16.43 3.96
CA ARG A 107 4.78 16.50 2.83
C ARG A 107 3.34 16.51 3.28
N VAL A 108 2.51 17.18 2.52
CA VAL A 108 1.15 17.37 2.86
C VAL A 108 0.30 16.87 1.73
N TYR A 109 -0.73 16.13 2.10
CA TYR A 109 -1.69 15.61 1.17
C TYR A 109 -3.06 16.12 1.47
N GLU A 110 -3.92 16.18 0.43
CA GLU A 110 -5.35 16.26 0.67
C GLU A 110 -5.83 15.18 1.64
N LYS A 111 -6.80 15.50 2.47
CA LYS A 111 -7.53 14.47 3.21
C LYS A 111 -8.63 14.00 2.30
N ALA A 112 -8.72 12.69 2.06
CA ALA A 112 -9.77 12.15 1.20
C ALA A 112 -11.15 12.54 1.73
N PRO A 113 -12.00 13.13 0.85
CA PRO A 113 -13.37 13.47 1.19
C PRO A 113 -14.23 12.24 1.51
N GLY A 114 -15.25 12.43 2.35
CA GLY A 114 -16.20 11.37 2.67
C GLY A 114 -15.74 10.48 3.80
N HIS A 115 -16.07 9.20 3.72
CA HIS A 115 -15.95 8.32 4.86
C HIS A 115 -15.68 6.93 4.35
N LYS A 116 -15.20 6.09 5.27
CA LYS A 116 -15.02 4.67 5.01
C LYS A 116 -16.32 4.05 4.61
N VAL A 117 -16.23 2.97 3.84
CA VAL A 117 -17.42 2.25 3.53
C VAL A 117 -17.98 1.63 4.84
N GLU A 118 -19.27 1.64 4.93
CA GLU A 118 -20.01 1.15 6.06
C GLU A 118 -20.83 -0.04 5.57
N GLU A 119 -21.39 -0.76 6.53
CA GLU A 119 -22.05 -2.07 6.30
C GLU A 119 -23.08 -2.11 5.20
N ALA A 120 -23.93 -1.09 5.15
CA ALA A 120 -25.03 -1.01 4.18
C ALA A 120 -24.56 -0.90 2.72
N ASP A 121 -23.33 -0.39 2.54
CA ASP A 121 -22.69 -0.23 1.24
C ASP A 121 -21.75 -1.42 0.84
N TRP A 122 -21.57 -2.43 1.70
CA TRP A 122 -20.71 -3.57 1.38
C TRP A 122 -21.50 -4.61 0.58
N ASN A 123 -21.36 -4.53 -0.74
CA ASN A 123 -22.18 -5.33 -1.61
C ASN A 123 -21.56 -5.41 -3.00
N ASP A 124 -22.23 -6.10 -3.93
CA ASP A 124 -21.71 -6.30 -5.28
C ASP A 124 -21.45 -5.01 -6.04
N GLU A 125 -22.27 -4.01 -5.79
CA GLU A 125 -22.14 -2.71 -6.43
C GLU A 125 -20.84 -2.03 -6.00
N LEU A 126 -20.49 -2.16 -4.72
CA LEU A 126 -19.16 -1.66 -4.22
C LEU A 126 -18.01 -2.38 -4.90
N PHE A 127 -18.09 -3.69 -4.99
CA PHE A 127 -16.99 -4.47 -5.55
C PHE A 127 -16.73 -4.08 -7.04
N TYR A 128 -17.81 -3.91 -7.78
CA TYR A 128 -17.78 -3.38 -9.13
C TYR A 128 -17.15 -2.00 -9.22
N ALA A 129 -17.52 -1.10 -8.32
CA ALA A 129 -16.96 0.26 -8.33
C ALA A 129 -15.47 0.26 -8.01
N LEU A 130 -15.08 -0.61 -7.07
CA LEU A 130 -13.66 -0.81 -6.80
C LEU A 130 -12.90 -1.27 -8.06
N GLY A 131 -13.50 -2.20 -8.79
CA GLY A 131 -12.90 -2.63 -10.03
C GLY A 131 -12.78 -1.56 -11.10
N GLN A 132 -13.86 -0.79 -11.28
CA GLN A 132 -13.81 0.36 -12.22
C GLN A 132 -12.67 1.34 -11.91
N TYR A 133 -12.53 1.65 -10.62
CA TYR A 133 -11.54 2.58 -10.18
C TYR A 133 -10.15 2.02 -10.42
N THR A 134 -9.93 0.77 -10.00
CA THR A 134 -8.61 0.14 -10.11
C THR A 134 -8.18 0.03 -11.59
N GLY A 135 -9.14 -0.33 -12.45
CA GLY A 135 -8.93 -0.38 -13.90
C GLY A 135 -8.53 0.97 -14.44
N ARG A 136 -9.19 2.05 -13.98
CA ARG A 136 -8.77 3.40 -14.42
C ARG A 136 -7.34 3.74 -13.99
N MET A 137 -7.02 3.33 -12.78
CA MET A 137 -5.69 3.57 -12.17
C MET A 137 -4.63 2.84 -12.96
N HIS A 138 -4.87 1.54 -13.30
CA HIS A 138 -3.90 0.81 -14.06
C HIS A 138 -3.74 1.37 -15.45
N LYS A 139 -4.86 1.71 -16.09
CA LYS A 139 -4.76 2.30 -17.43
C LYS A 139 -3.92 3.58 -17.40
N LEU A 140 -4.12 4.42 -16.38
CA LEU A 140 -3.36 5.68 -16.27
C LEU A 140 -1.87 5.42 -15.97
N THR A 141 -1.56 4.39 -15.18
CA THR A 141 -0.18 4.14 -14.86
C THR A 141 0.62 3.74 -16.11
N LYS A 142 -0.04 3.14 -17.09
CA LYS A 142 0.63 2.79 -18.37
C LYS A 142 1.26 3.99 -19.07
N SER A 143 0.74 5.20 -18.87
CA SER A 143 1.30 6.41 -19.47
C SER A 143 2.23 7.19 -18.57
N TYR A 144 2.44 6.75 -17.34
CA TYR A 144 3.40 7.41 -16.40
C TYR A 144 4.83 7.24 -16.96
N GLN A 145 5.55 8.33 -17.07
CA GLN A 145 6.96 8.37 -17.45
C GLN A 145 7.83 8.85 -16.32
N LEU A 146 8.68 7.95 -15.84
CA LEU A 146 9.66 8.30 -14.82
C LEU A 146 10.64 9.37 -15.35
N SER A 147 10.81 10.48 -14.61
CA SER A 147 11.57 11.60 -15.17
C SER A 147 13.08 11.38 -15.16
N ASP A 148 13.56 10.62 -14.19
CA ASP A 148 14.99 10.31 -14.03
C ASP A 148 15.14 9.07 -13.18
N PRO A 149 16.17 8.21 -13.42
CA PRO A 149 16.37 7.01 -12.56
C PRO A 149 16.50 7.26 -11.08
N ARG A 150 16.89 8.49 -10.70
CA ARG A 150 17.08 8.86 -9.31
C ARG A 150 15.81 8.64 -8.48
N TYR A 151 14.65 8.89 -9.09
CA TYR A 151 13.36 8.82 -8.42
C TYR A 151 12.68 7.41 -8.50
N LYS A 152 13.41 6.43 -9.00
CA LYS A 152 12.84 5.11 -9.23
C LYS A 152 12.35 4.43 -7.96
N ARG A 153 11.12 3.92 -8.02
CA ARG A 153 10.58 3.10 -6.94
C ARG A 153 11.07 1.61 -7.05
N GLN A 154 10.86 0.86 -6.00
CA GLN A 154 11.31 -0.54 -5.97
C GLN A 154 10.56 -1.48 -6.90
N GLU A 155 11.28 -2.52 -7.31
CA GLU A 155 10.65 -3.67 -7.99
C GLU A 155 9.98 -4.57 -6.97
N TRP A 156 9.08 -5.42 -7.44
CA TRP A 156 8.32 -6.37 -6.61
C TRP A 156 9.24 -7.20 -5.72
N ASP A 157 10.37 -7.64 -6.25
CA ASP A 157 11.25 -8.56 -5.48
C ASP A 157 12.29 -7.87 -4.58
N GLU A 158 12.26 -6.53 -4.54
CA GLU A 158 13.18 -5.76 -3.73
C GLU A 158 12.55 -5.41 -2.40
N GLU A 159 11.25 -5.71 -2.25
CA GLU A 159 10.56 -5.44 -1.02
C GLU A 159 11.28 -6.02 0.21
N GLU A 160 11.47 -5.17 1.20
CA GLU A 160 12.18 -5.51 2.43
C GLU A 160 11.59 -6.71 3.15
N GLN A 161 10.26 -6.76 3.25
CA GLN A 161 9.59 -7.80 3.98
C GLN A 161 9.64 -9.21 3.30
N LEU A 162 10.12 -9.29 2.06
CA LEU A 162 10.35 -10.57 1.40
C LEU A 162 11.73 -11.14 1.71
N LYS A 163 12.55 -10.35 2.41
CA LYS A 163 13.90 -10.79 2.85
C LYS A 163 13.78 -11.57 4.12
N LEU A 164 13.20 -12.78 4.03
CA LEU A 164 12.85 -13.56 5.21
C LEU A 164 14.06 -13.91 6.02
N ARG A 165 15.19 -14.21 5.39
CA ARG A 165 16.39 -14.58 6.15
C ARG A 165 16.97 -13.45 7.01
N LYS A 166 16.66 -12.19 6.70
CA LYS A 166 17.05 -11.05 7.50
C LYS A 166 16.30 -10.99 8.81
N TYR A 167 15.07 -11.48 8.84
CA TYR A 167 14.17 -11.30 9.99
C TYR A 167 13.68 -12.57 10.68
N VAL A 168 13.68 -13.71 9.99
CA VAL A 168 13.12 -14.94 10.48
C VAL A 168 14.25 -15.85 11.00
N PRO A 169 14.04 -16.57 12.12
CA PRO A 169 15.13 -17.44 12.63
C PRO A 169 15.67 -18.40 11.58
N ALA A 170 16.99 -18.53 11.56
CA ALA A 170 17.70 -19.22 10.50
C ALA A 170 17.35 -20.71 10.41
N ASP A 171 16.79 -21.31 11.47
CA ASP A 171 16.45 -22.76 11.44
C ASP A 171 15.13 -23.12 10.75
N GLN A 172 14.40 -22.12 10.27
CA GLN A 172 13.14 -22.34 9.53
C GLN A 172 13.41 -22.63 8.04
N THR A 173 14.09 -23.74 7.82
CA THR A 173 14.57 -24.15 6.51
C THR A 173 13.45 -24.32 5.49
N LEU A 174 12.40 -25.02 5.93
CA LEU A 174 11.30 -25.27 5.03
C LEU A 174 10.55 -24.00 4.65
N VAL A 175 10.42 -23.06 5.59
CA VAL A 175 9.87 -21.74 5.24
C VAL A 175 10.66 -21.12 4.08
N PHE A 176 12.00 -21.07 4.23
CA PHE A 176 12.81 -20.40 3.24
C PHE A 176 12.75 -21.14 1.90
N GLU A 177 12.75 -22.47 1.96
CA GLU A 177 12.65 -23.28 0.75
C GLU A 177 11.34 -22.97 -0.03
N GLN A 178 10.24 -22.93 0.70
CA GLN A 178 8.97 -22.61 0.09
C GLN A 178 8.88 -21.14 -0.45
N ALA A 179 9.35 -20.18 0.34
CA ALA A 179 9.39 -18.82 -0.11
C ALA A 179 10.27 -18.64 -1.36
N ASP A 180 11.46 -19.22 -1.34
CA ASP A 180 12.37 -19.15 -2.49
C ASP A 180 11.73 -19.76 -3.79
N ARG A 181 11.12 -20.91 -3.62
CA ARG A 181 10.47 -21.63 -4.70
C ARG A 181 9.37 -20.77 -5.33
N LEU A 182 8.58 -20.14 -4.47
CA LEU A 182 7.51 -19.29 -4.91
C LEU A 182 8.05 -18.06 -5.68
N MET A 183 9.08 -17.43 -5.12
CA MET A 183 9.69 -16.26 -5.74
C MET A 183 10.36 -16.58 -7.07
N GLU A 184 10.94 -17.76 -7.17
CA GLU A 184 11.55 -18.22 -8.43
C GLU A 184 10.48 -18.46 -9.53
N LYS A 185 9.32 -18.98 -9.15
CA LYS A 185 8.16 -19.12 -10.08
C LYS A 185 7.72 -17.78 -10.56
N LEU A 186 7.52 -16.83 -9.65
CA LEU A 186 7.01 -15.54 -10.05
C LEU A 186 8.01 -14.75 -10.88
N ALA A 187 9.28 -14.97 -10.66
CA ALA A 187 10.28 -14.30 -11.42
C ALA A 187 10.23 -14.64 -12.91
N LYS A 188 9.60 -15.75 -13.29
CA LYS A 188 9.46 -16.10 -14.70
C LYS A 188 8.27 -15.47 -15.40
N LEU A 189 7.46 -14.73 -14.65
CA LEU A 189 6.25 -14.11 -15.21
C LEU A 189 6.66 -12.97 -16.15
N PRO A 190 5.93 -12.79 -17.23
CA PRO A 190 6.22 -11.66 -18.17
C PRO A 190 5.90 -10.27 -17.55
N LYS A 191 6.82 -9.36 -17.72
CA LYS A 191 6.70 -7.96 -17.28
C LYS A 191 6.78 -7.09 -18.51
N ASN A 192 5.65 -6.51 -18.89
CA ASN A 192 5.63 -5.56 -20.00
C ASN A 192 4.56 -4.46 -19.71
N GLN A 193 4.40 -3.52 -20.63
CA GLN A 193 3.56 -2.36 -20.38
C GLN A 193 2.10 -2.73 -20.08
N ASP A 194 1.62 -3.88 -20.57
CA ASP A 194 0.24 -4.31 -20.34
C ASP A 194 0.07 -5.29 -19.15
N THR A 195 1.17 -5.63 -18.46
CA THR A 195 1.13 -6.53 -17.30
C THR A 195 1.71 -6.05 -15.97
N TYR A 196 2.55 -5.01 -16.00
CA TYR A 196 3.44 -4.67 -14.91
C TYR A 196 3.69 -3.19 -14.98
N GLY A 197 3.68 -2.55 -13.84
CA GLY A 197 4.02 -1.12 -13.79
C GLY A 197 3.96 -0.63 -12.38
N LEU A 198 4.06 0.71 -12.25
CA LEU A 198 3.96 1.34 -10.94
C LEU A 198 2.53 1.27 -10.41
N VAL A 199 2.36 0.62 -9.25
CA VAL A 199 1.03 0.39 -8.69
C VAL A 199 1.06 0.67 -7.18
N HIS A 200 -0.11 0.71 -6.60
CA HIS A 200 -0.27 1.02 -5.16
C HIS A 200 0.41 -0.01 -4.28
N ALA A 201 0.18 -1.29 -4.65
CA ALA A 201 0.86 -2.46 -4.09
C ALA A 201 0.49 -2.86 -2.67
N ASP A 202 -0.54 -2.23 -2.11
CA ASP A 202 -0.95 -2.50 -0.75
C ASP A 202 -2.41 -2.12 -0.51
N LEU A 203 -3.26 -2.34 -1.50
CA LEU A 203 -4.65 -1.91 -1.40
C LEU A 203 -5.45 -2.71 -0.40
N HIS A 204 -6.17 -2.00 0.46
CA HIS A 204 -7.21 -2.53 1.33
C HIS A 204 -8.49 -1.74 1.08
N HIS A 205 -9.64 -2.25 1.51
CA HIS A 205 -10.84 -1.45 1.37
C HIS A 205 -10.73 -0.13 2.14
N GLY A 206 -9.90 -0.15 3.18
CA GLY A 206 -9.64 1.07 3.95
C GLY A 206 -8.90 2.17 3.24
N ASN A 207 -8.25 1.89 2.09
CA ASN A 207 -7.64 2.94 1.25
C ASN A 207 -8.65 3.75 0.40
N PHE A 208 -9.92 3.40 0.48
CA PHE A 208 -10.94 3.95 -0.38
C PHE A 208 -11.93 4.72 0.49
N HIS A 209 -12.15 5.98 0.19
CA HIS A 209 -13.22 6.73 0.86
C HIS A 209 -14.28 7.01 -0.13
N TRP A 210 -15.48 7.18 0.40
CA TRP A 210 -16.69 7.37 -0.39
C TRP A 210 -17.35 8.66 0.06
N ASP A 211 -17.57 9.54 -0.89
CA ASP A 211 -18.23 10.82 -0.65
C ASP A 211 -19.44 10.87 -1.56
N GLN A 212 -20.57 10.34 -1.06
CA GLN A 212 -21.81 10.13 -1.81
C GLN A 212 -21.58 9.54 -3.22
N GLY A 213 -21.20 8.26 -3.25
CA GLY A 213 -20.93 7.58 -4.52
C GLY A 213 -19.51 7.70 -5.07
N LYS A 214 -18.90 8.87 -4.99
CA LYS A 214 -17.54 9.09 -5.55
C LYS A 214 -16.38 8.52 -4.71
N ILE A 215 -15.53 7.74 -5.36
CA ILE A 215 -14.33 7.14 -4.70
C ILE A 215 -13.14 8.07 -4.72
N THR A 216 -12.39 8.08 -3.62
CA THR A 216 -11.07 8.70 -3.56
C THR A 216 -10.17 7.77 -2.79
N THR A 217 -8.99 7.54 -3.31
CA THR A 217 -7.97 6.75 -2.61
C THR A 217 -6.99 7.64 -1.89
N PHE A 218 -6.39 7.07 -0.83
CA PHE A 218 -5.37 7.73 -0.05
C PHE A 218 -4.41 6.72 0.52
N ASP A 219 -3.28 7.24 1.03
CA ASP A 219 -2.15 6.49 1.61
C ASP A 219 -1.42 5.68 0.54
N PHE A 220 -0.33 6.28 0.03
CA PHE A 220 0.45 5.79 -1.06
C PHE A 220 1.91 5.62 -0.69
N ASP A 221 2.20 5.30 0.57
CA ASP A 221 3.61 5.36 1.03
C ASP A 221 4.53 4.32 0.37
N ASP A 222 3.94 3.16 0.02
CA ASP A 222 4.65 1.94 -0.38
C ASP A 222 4.46 1.55 -1.86
N ILE A 223 4.09 2.50 -2.69
CA ILE A 223 3.95 2.17 -4.12
C ILE A 223 5.23 1.63 -4.69
N GLY A 224 5.12 0.72 -5.65
CA GLY A 224 6.30 0.23 -6.35
C GLY A 224 5.89 -0.55 -7.58
N TYR A 225 6.88 -1.06 -8.30
CA TYR A 225 6.59 -1.82 -9.53
C TYR A 225 6.08 -3.20 -9.19
N ASN A 226 4.98 -3.56 -9.84
CA ASN A 226 4.37 -4.89 -9.64
C ASN A 226 3.42 -5.25 -10.76
N TRP A 227 3.01 -6.51 -10.78
CA TRP A 227 1.98 -6.93 -11.73
C TRP A 227 0.62 -6.35 -11.42
N PHE A 228 -0.09 -5.92 -12.47
CA PHE A 228 -1.47 -5.51 -12.32
C PHE A 228 -2.31 -6.54 -11.62
N MET A 229 -2.14 -7.81 -11.98
CA MET A 229 -2.92 -8.83 -11.31
C MET A 229 -2.54 -9.06 -9.85
N ASN A 230 -1.29 -8.75 -9.49
CA ASN A 230 -0.88 -8.84 -8.11
C ASN A 230 -1.49 -7.66 -7.32
N ASP A 231 -1.54 -6.46 -7.92
CA ASP A 231 -2.16 -5.31 -7.21
C ASP A 231 -3.66 -5.70 -6.85
N ILE A 232 -4.32 -6.39 -7.76
CA ILE A 232 -5.70 -6.84 -7.54
C ILE A 232 -5.74 -7.97 -6.50
N SER A 233 -4.83 -8.95 -6.63
CA SER A 233 -4.76 -10.09 -5.69
C SER A 233 -4.49 -9.62 -4.22
N ILE A 234 -3.68 -8.58 -4.07
CA ILE A 234 -3.39 -7.95 -2.77
C ILE A 234 -4.65 -7.37 -2.12
N LEU A 235 -5.47 -6.69 -2.93
CA LEU A 235 -6.76 -6.21 -2.43
C LEU A 235 -7.64 -7.38 -1.99
N LEU A 236 -7.69 -8.47 -2.82
CA LEU A 236 -8.43 -9.62 -2.39
C LEU A 236 -7.90 -10.25 -1.10
N TYR A 237 -6.58 -10.37 -0.96
CA TYR A 237 -5.98 -10.93 0.23
C TYR A 237 -6.44 -10.12 1.47
N ASN A 238 -6.41 -8.80 1.33
CA ASN A 238 -6.75 -7.95 2.45
C ASN A 238 -8.23 -7.96 2.83
N VAL A 239 -9.10 -8.03 1.83
CA VAL A 239 -10.53 -8.18 2.08
C VAL A 239 -10.90 -9.56 2.62
N LEU A 240 -10.12 -10.59 2.26
CA LEU A 240 -10.27 -11.93 2.88
C LEU A 240 -10.02 -11.90 4.37
N TRP A 241 -8.99 -11.14 4.79
CA TRP A 241 -8.74 -10.97 6.19
C TRP A 241 -9.82 -10.15 6.92
N TYR A 242 -10.14 -9.00 6.35
CA TYR A 242 -10.94 -7.96 7.06
C TYR A 242 -12.02 -7.40 6.18
N PRO A 243 -13.03 -8.22 5.85
CA PRO A 243 -14.18 -7.74 5.08
C PRO A 243 -15.05 -6.87 5.99
N VAL A 244 -15.82 -5.96 5.44
CA VAL A 244 -16.63 -5.08 6.26
C VAL A 244 -17.71 -5.88 6.99
N ILE A 245 -18.34 -6.82 6.27
CA ILE A 245 -19.25 -7.79 6.81
C ILE A 245 -18.60 -9.19 6.76
N PRO A 246 -18.70 -9.98 7.83
CA PRO A 246 -18.17 -11.35 7.78
C PRO A 246 -18.77 -12.21 6.66
N TYR A 247 -17.96 -13.09 6.11
CA TYR A 247 -18.42 -14.15 5.22
C TYR A 247 -18.16 -15.50 5.93
N GLU A 248 -18.80 -16.53 5.42
CA GLU A 248 -18.56 -17.89 5.92
C GLU A 248 -17.98 -18.88 4.90
N ASP A 249 -18.31 -18.78 3.60
CA ASP A 249 -17.74 -19.67 2.57
C ASP A 249 -16.65 -18.88 1.82
N LYS A 250 -15.39 -19.11 2.19
CA LYS A 250 -14.30 -18.27 1.70
C LYS A 250 -14.13 -18.32 0.20
N ALA A 251 -14.25 -19.52 -0.38
CA ALA A 251 -14.08 -19.65 -1.81
C ALA A 251 -15.19 -18.92 -2.57
N ALA A 252 -16.43 -19.07 -2.09
CA ALA A 252 -17.59 -18.44 -2.75
C ALA A 252 -17.48 -16.91 -2.64
N PHE A 253 -17.04 -16.43 -1.49
CA PHE A 253 -16.86 -14.99 -1.30
C PHE A 253 -15.77 -14.47 -2.23
N ALA A 254 -14.62 -15.15 -2.25
CA ALA A 254 -13.51 -14.71 -3.07
C ALA A 254 -13.90 -14.69 -4.57
N GLY A 255 -14.56 -15.77 -5.03
CA GLY A 255 -14.97 -15.84 -6.42
C GLY A 255 -15.98 -14.76 -6.78
N ASN A 256 -16.93 -14.49 -5.90
CA ASN A 256 -17.91 -13.48 -6.20
C ASN A 256 -17.31 -12.03 -6.13
N PHE A 257 -16.45 -11.78 -5.16
CA PHE A 257 -15.76 -10.50 -5.06
C PHE A 257 -15.03 -10.27 -6.41
N MET A 258 -14.31 -11.30 -6.88
CA MET A 258 -13.51 -11.16 -8.10
CA MET A 258 -13.49 -11.14 -8.08
C MET A 258 -14.37 -11.02 -9.35
N LYS A 259 -15.48 -11.75 -9.39
CA LYS A 259 -16.43 -11.64 -10.50
C LYS A 259 -16.94 -10.20 -10.66
N GLN A 260 -17.40 -9.62 -9.54
CA GLN A 260 -17.95 -8.27 -9.56
C GLN A 260 -16.87 -7.23 -9.85
N PHE A 261 -15.74 -7.38 -9.20
CA PHE A 261 -14.62 -6.52 -9.39
C PHE A 261 -14.15 -6.51 -10.84
N LEU A 262 -13.96 -7.69 -11.43
CA LEU A 262 -13.47 -7.76 -12.79
C LEU A 262 -14.47 -7.21 -13.81
N LYS A 263 -15.76 -7.31 -13.53
CA LYS A 263 -16.76 -6.72 -14.41
C LYS A 263 -16.52 -5.19 -14.48
N GLY A 264 -16.24 -4.56 -13.35
CA GLY A 264 -15.86 -3.15 -13.37
C GLY A 264 -14.51 -2.89 -14.05
N TYR A 265 -13.51 -3.67 -13.64
CA TYR A 265 -12.16 -3.49 -14.10
C TYR A 265 -12.03 -3.53 -15.63
N ARG A 266 -12.70 -4.52 -16.22
CA ARG A 266 -12.75 -4.72 -17.66
C ARG A 266 -13.36 -3.58 -18.48
N GLU A 267 -14.12 -2.69 -17.85
CA GLU A 267 -14.61 -1.49 -18.52
C GLU A 267 -13.50 -0.46 -18.73
N GLU A 268 -12.41 -0.57 -17.98
CA GLU A 268 -11.40 0.49 -17.88
C GLU A 268 -9.97 0.09 -18.24
N ASN A 269 -9.65 -1.22 -18.15
CA ASN A 269 -8.34 -1.69 -18.53
C ASN A 269 -8.43 -3.10 -19.05
N GLU A 270 -7.66 -3.35 -20.10
CA GLU A 270 -7.57 -4.68 -20.74
C GLU A 270 -6.41 -5.45 -20.17
N LEU A 271 -6.73 -6.51 -19.43
CA LEU A 271 -5.70 -7.42 -18.86
C LEU A 271 -6.05 -8.86 -19.27
N GLY A 272 -5.04 -9.57 -19.74
CA GLY A 272 -5.25 -10.89 -20.36
C GLY A 272 -5.78 -11.91 -19.36
N ASP A 273 -6.69 -12.77 -19.83
CA ASP A 273 -7.27 -13.79 -18.95
C ASP A 273 -6.25 -14.78 -18.40
N GLU A 274 -5.07 -14.90 -19.04
CA GLU A 274 -4.05 -15.79 -18.51
C GLU A 274 -3.69 -15.44 -17.07
N TRP A 275 -3.86 -14.17 -16.70
CA TRP A 275 -3.46 -13.72 -15.41
C TRP A 275 -4.31 -14.29 -14.29
N LEU A 276 -5.51 -14.75 -14.60
CA LEU A 276 -6.38 -15.35 -13.60
C LEU A 276 -5.73 -16.56 -12.92
N ALA A 277 -4.92 -17.31 -13.67
CA ALA A 277 -4.25 -18.49 -13.18
C ALA A 277 -3.23 -18.21 -12.05
N TYR A 278 -2.82 -16.95 -11.92
CA TYR A 278 -1.78 -16.57 -10.99
C TYR A 278 -2.30 -15.94 -9.71
N ILE A 279 -3.61 -15.71 -9.62
CA ILE A 279 -4.14 -15.13 -8.38
C ILE A 279 -3.72 -15.99 -7.16
N PRO A 280 -3.86 -17.33 -7.23
CA PRO A 280 -3.56 -18.06 -5.99
C PRO A 280 -2.08 -17.97 -5.58
N ASP A 281 -1.16 -17.89 -6.54
CA ASP A 281 0.27 -17.68 -6.22
C ASP A 281 0.52 -16.27 -5.66
N PHE A 282 -0.16 -15.28 -6.20
CA PHE A 282 -0.05 -13.94 -5.62
C PHE A 282 -0.58 -13.90 -4.19
N LEU A 283 -1.72 -14.57 -3.95
CA LEU A 283 -2.20 -14.65 -2.56
C LEU A 283 -1.12 -15.30 -1.64
N ARG A 284 -0.47 -16.34 -2.12
CA ARG A 284 0.57 -17.02 -1.35
C ARG A 284 1.72 -16.08 -1.05
N LEU A 285 2.09 -15.28 -2.06
CA LEU A 285 3.18 -14.33 -1.92
C LEU A 285 2.89 -13.27 -0.82
N ARG A 286 1.64 -12.82 -0.76
CA ARG A 286 1.22 -11.86 0.23
C ARG A 286 1.30 -12.49 1.63
N HIS A 287 1.03 -13.79 1.72
CA HIS A 287 1.09 -14.45 2.99
C HIS A 287 2.55 -14.53 3.46
N VAL A 288 3.45 -14.83 2.52
CA VAL A 288 4.90 -14.81 2.80
C VAL A 288 5.38 -13.40 3.25
N LEU A 289 4.98 -12.38 2.50
CA LEU A 289 5.31 -11.03 2.84
C LEU A 289 4.89 -10.63 4.26
N ILE A 290 3.67 -10.96 4.62
CA ILE A 290 3.17 -10.70 5.97
CA ILE A 290 3.16 -10.69 5.97
C ILE A 290 3.98 -11.42 7.02
N TYR A 291 4.34 -12.67 6.75
CA TYR A 291 5.21 -13.41 7.66
C TYR A 291 6.53 -12.64 7.90
N GLY A 292 7.12 -12.14 6.83
CA GLY A 292 8.26 -11.23 6.95
C GLY A 292 8.01 -9.94 7.71
N LEU A 293 6.89 -9.29 7.42
CA LEU A 293 6.48 -8.07 8.13
C LEU A 293 6.35 -8.34 9.62
N LEU A 294 5.71 -9.44 9.98
CA LEU A 294 5.52 -9.77 11.39
C LEU A 294 6.85 -9.94 12.12
N HIS A 295 7.78 -10.67 11.51
CA HIS A 295 9.12 -10.83 12.11
C HIS A 295 9.92 -9.54 12.14
N GLN A 296 9.73 -8.69 11.14
CA GLN A 296 10.40 -7.41 11.14
C GLN A 296 9.91 -6.58 12.33
N ALA A 297 8.61 -6.62 12.57
CA ALA A 297 7.95 -5.76 13.53
C ALA A 297 8.08 -6.21 14.98
N PHE A 298 8.15 -7.53 15.20
CA PHE A 298 8.14 -8.14 16.51
C PHE A 298 9.50 -8.29 17.11
N ASP A 299 9.57 -8.07 18.42
CA ASP A 299 10.64 -8.64 19.21
C ASP A 299 10.16 -10.05 19.56
N LEU A 300 10.74 -11.08 18.97
CA LEU A 300 10.17 -12.42 19.06
C LEU A 300 10.04 -12.94 20.49
N ALA A 301 10.99 -12.56 21.31
CA ALA A 301 11.02 -12.96 22.71
C ALA A 301 9.87 -12.40 23.53
N THR A 302 9.36 -11.22 23.12
CA THR A 302 8.40 -10.45 23.93
C THR A 302 6.96 -10.69 23.47
N ILE A 303 6.76 -11.49 22.41
CA ILE A 303 5.39 -11.62 21.89
C ILE A 303 4.43 -12.40 22.80
N GLY A 304 3.15 -12.07 22.75
CA GLY A 304 2.14 -12.79 23.56
C GLY A 304 1.66 -14.06 22.90
N ASP A 305 0.80 -14.74 23.61
CA ASP A 305 0.29 -16.03 23.15
C ASP A 305 -0.45 -15.90 21.83
N GLU A 306 -1.17 -14.81 21.65
CA GLU A 306 -1.97 -14.60 20.43
C GLU A 306 -1.07 -14.36 19.21
N GLU A 307 -0.03 -13.56 19.41
CA GLU A 307 0.98 -13.36 18.37
C GLU A 307 1.71 -14.68 17.98
N LYS A 308 2.10 -15.46 18.99
CA LYS A 308 2.79 -16.74 18.76
C LYS A 308 1.91 -17.65 17.97
N ALA A 309 0.60 -17.68 18.30
CA ALA A 309 -0.32 -18.56 17.61
C ALA A 309 -0.48 -18.17 16.13
N MET A 310 -0.55 -16.86 15.91
CA MET A 310 -0.60 -16.30 14.55
C MET A 310 0.65 -16.72 13.77
N LEU A 311 1.81 -16.55 14.36
CA LEU A 311 3.04 -16.89 13.71
C LEU A 311 3.11 -18.39 13.37
N ALA A 312 2.68 -19.24 14.30
CA ALA A 312 2.71 -20.65 14.05
C ALA A 312 1.79 -21.07 12.89
N SER A 313 0.65 -20.41 12.81
CA SER A 313 -0.29 -20.69 11.76
C SER A 313 0.24 -20.26 10.37
N PHE A 314 0.74 -19.01 10.27
CA PHE A 314 1.43 -18.57 9.09
C PHE A 314 2.55 -19.54 8.68
N ARG A 315 3.35 -20.00 9.66
CA ARG A 315 4.50 -20.80 9.34
C ARG A 315 4.06 -22.11 8.70
N SER A 316 3.03 -22.75 9.29
CA SER A 316 2.47 -24.00 8.75
CA SER A 316 2.52 -24.00 8.77
C SER A 316 1.94 -23.79 7.35
N ASP A 317 1.21 -22.68 7.16
CA ASP A 317 0.63 -22.38 5.86
C ASP A 317 1.72 -22.24 4.77
N ILE A 318 2.81 -21.55 5.10
CA ILE A 318 3.89 -21.33 4.14
C ILE A 318 4.57 -22.67 3.87
N GLU A 319 4.93 -23.39 4.94
CA GLU A 319 5.61 -24.68 4.84
C GLU A 319 4.86 -25.69 3.98
N GLN A 320 3.54 -25.68 4.06
CA GLN A 320 2.72 -26.65 3.34
C GLN A 320 2.28 -26.13 1.97
N ALA A 321 2.63 -24.88 1.65
CA ALA A 321 2.17 -24.19 0.47
C ALA A 321 0.62 -24.26 0.38
N ALA A 322 -0.01 -24.01 1.53
CA ALA A 322 -1.46 -24.03 1.64
C ALA A 322 -2.10 -23.03 0.72
N PRO A 323 -3.18 -23.41 0.02
CA PRO A 323 -3.93 -22.42 -0.75
C PRO A 323 -4.63 -21.43 0.18
N ILE A 324 -4.55 -20.13 -0.17
CA ILE A 324 -5.22 -19.10 0.58
C ILE A 324 -6.74 -19.21 0.32
N THR A 325 -7.14 -19.55 -0.91
CA THR A 325 -8.53 -19.99 -1.18
C THR A 325 -8.45 -21.02 -2.26
N THR A 326 -9.46 -21.84 -2.35
CA THR A 326 -9.52 -22.87 -3.41
C THR A 326 -10.39 -22.51 -4.64
N PHE A 327 -10.91 -21.31 -4.73
CA PHE A 327 -11.72 -20.93 -5.86
C PHE A 327 -10.85 -20.95 -7.12
N ASP A 328 -11.40 -21.51 -8.20
CA ASP A 328 -10.70 -21.52 -9.47
C ASP A 328 -10.99 -20.23 -10.22
N PHE A 329 -10.11 -19.27 -10.07
CA PHE A 329 -10.34 -17.99 -10.72
C PHE A 329 -10.32 -18.03 -12.26
N THR A 330 -9.83 -19.12 -12.87
CA THR A 330 -9.85 -19.22 -14.35
C THR A 330 -11.29 -19.34 -14.88
N LYS A 331 -12.25 -19.73 -14.01
CA LYS A 331 -13.67 -19.71 -14.37
C LYS A 331 -14.20 -18.30 -14.71
N LEU A 332 -13.52 -17.24 -14.25
CA LEU A 332 -13.95 -15.89 -14.50
C LEU A 332 -13.47 -15.33 -15.84
N SER A 333 -12.93 -16.17 -16.72
CA SER A 333 -12.42 -15.70 -18.01
C SER A 333 -13.56 -15.18 -18.82
N GLN A 334 -13.22 -14.30 -19.75
CA GLN A 334 -14.16 -13.39 -20.38
C GLN A 334 -14.78 -13.99 -21.61
#